data_1WNE
#
_entry.id   1WNE
#
_cell.length_a   94.627
_cell.length_b   94.627
_cell.length_c   100.513
_cell.angle_alpha   90.00
_cell.angle_beta   90.00
_cell.angle_gamma   120.00
#
_symmetry.space_group_name_H-M   'P 32 2 1'
#
loop_
_entity.id
_entity.type
_entity.pdbx_description
1 polymer "5'-R(*CP*AP*UP*GP*GP*GP*CP*C)-3'"
2 polymer "5'-R(*GP*GP*CP*CP*C)-3'"
3 polymer 'RNA-dependent RNA polymerase'
4 non-polymer 'MAGNESIUM ION'
5 water water
#
loop_
_entity_poly.entity_id
_entity_poly.type
_entity_poly.pdbx_seq_one_letter_code
_entity_poly.pdbx_strand_id
1 'polyribonucleotide' CAUGGGCC B
2 'polyribonucleotide' GGCCC C
3 'polypeptide(L)'
;GLIVDTRDVEERVHVMRKTKLAPTVAHGVFNPEFGPAALSNKDPRLNEGVVLDEVIFSKHKGDTKMSAEDKALFRRCAAD
YASRLHSVLGTANAPLSIYEAIKGVDGLDAMEPDTAPGLPWALQGKRRGALIDFENGTVGPEVEAALKLMEKREYKFACQ
TFLKDEIRPMEKVRAGKTRIVDVLPVEHILYTRMMIGRFCAQMHSNNGPQIGSAVGCNPDVDWQRFGTHFAQYRNVWDVD
YSAFDANHCSDAMNIMFEEVFRTEFGFHPNAEWILKTLVNTEHAYENKRITVEGGMPSGCSATSIINTILNNIYVLYALR
RHYEGVELDTYTMISYGDDIVVASDYDLDFEALKPHFKSLGQTITPADKSDKGFVLGHSITDVTFLKRHFHMDYGTGFYK
PVMASKTLEAILSFARRGTIQEKLISVAGLAVHSGPDEYRRLFEPFQGLFEIPSYRSLYLRWVNAVCGDAAALEHH
;
A
#
loop_
_chem_comp.id
_chem_comp.type
_chem_comp.name
_chem_comp.formula
A RNA linking ADENOSINE-5'-MONOPHOSPHATE 'C10 H14 N5 O7 P'
C RNA linking CYTIDINE-5'-MONOPHOSPHATE 'C9 H14 N3 O8 P'
G RNA linking GUANOSINE-5'-MONOPHOSPHATE 'C10 H14 N5 O8 P'
MG non-polymer 'MAGNESIUM ION' 'Mg 2'
U RNA linking URIDINE-5'-MONOPHOSPHATE 'C9 H13 N2 O9 P'
#
# COMPACT_ATOMS: atom_id res chain seq x y z
N GLY C 1 5.26 -13.76 8.49
CA GLY C 1 5.78 -14.01 9.86
C GLY C 1 5.64 -15.45 10.27
N LEU C 2 6.14 -15.79 11.46
CA LEU C 2 6.07 -17.15 11.97
C LEU C 2 4.93 -17.29 12.97
N ILE C 3 4.04 -18.24 12.71
CA ILE C 3 2.91 -18.49 13.59
C ILE C 3 3.39 -19.38 14.73
N VAL C 4 3.62 -18.79 15.89
CA VAL C 4 4.10 -19.51 17.06
C VAL C 4 3.08 -20.51 17.62
N ASP C 5 1.81 -20.10 17.65
CA ASP C 5 0.77 -20.97 18.18
C ASP C 5 -0.64 -20.57 17.73
N THR C 6 -1.45 -21.57 17.41
CA THR C 6 -2.82 -21.34 16.98
C THR C 6 -3.75 -21.86 18.07
N ARG C 7 -4.11 -20.99 19.01
CA ARG C 7 -4.99 -21.41 20.10
C ARG C 7 -6.44 -21.02 19.82
N ASP C 8 -7.35 -21.69 20.51
CA ASP C 8 -8.79 -21.44 20.36
C ASP C 8 -9.32 -20.80 21.64
N VAL C 9 -9.87 -19.60 21.53
CA VAL C 9 -10.42 -18.91 22.69
C VAL C 9 -11.94 -19.01 22.71
N GLU C 10 -12.56 -18.47 23.76
CA GLU C 10 -14.00 -18.51 23.91
C GLU C 10 -14.68 -17.45 23.04
N GLU C 11 -14.16 -16.22 23.08
CA GLU C 11 -14.72 -15.13 22.28
C GLU C 11 -14.69 -15.52 20.80
N ARG C 12 -15.37 -14.74 19.96
CA ARG C 12 -15.41 -15.04 18.54
C ARG C 12 -15.80 -13.81 17.72
N VAL C 13 -14.85 -13.28 16.96
CA VAL C 13 -15.07 -12.12 16.12
C VAL C 13 -15.81 -12.52 14.84
N HIS C 14 -17.06 -12.08 14.73
CA HIS C 14 -17.87 -12.39 13.56
C HIS C 14 -17.47 -11.56 12.36
N VAL C 15 -16.89 -12.20 11.36
CA VAL C 15 -16.46 -11.52 10.14
C VAL C 15 -17.18 -12.09 8.92
N MET C 16 -17.64 -13.33 9.04
CA MET C 16 -18.35 -14.00 7.95
C MET C 16 -19.45 -13.09 7.42
N ARG C 17 -19.63 -13.08 6.10
CA ARG C 17 -20.64 -12.24 5.47
C ARG C 17 -20.64 -12.42 3.97
N LYS C 18 -21.45 -11.63 3.28
CA LYS C 18 -21.54 -11.68 1.83
C LYS C 18 -21.02 -10.36 1.26
N THR C 19 -20.74 -10.34 -0.03
CA THR C 19 -20.23 -9.14 -0.68
C THR C 19 -21.35 -8.15 -0.98
N LYS C 20 -21.04 -6.86 -0.86
CA LYS C 20 -22.01 -5.81 -1.13
C LYS C 20 -21.84 -5.36 -2.57
N LEU C 21 -20.88 -5.97 -3.26
CA LEU C 21 -20.60 -5.64 -4.65
C LEU C 21 -21.52 -6.42 -5.57
N ALA C 22 -22.44 -5.71 -6.22
CA ALA C 22 -23.39 -6.35 -7.12
C ALA C 22 -23.06 -6.04 -8.59
N PRO C 23 -23.22 -7.04 -9.47
CA PRO C 23 -22.94 -6.89 -10.90
C PRO C 23 -23.69 -5.70 -11.51
N THR C 24 -23.12 -5.12 -12.57
CA THR C 24 -23.73 -3.98 -13.23
C THR C 24 -24.11 -4.35 -14.67
N VAL C 25 -24.79 -3.43 -15.35
CA VAL C 25 -25.22 -3.66 -16.73
C VAL C 25 -24.02 -3.97 -17.63
N ALA C 26 -22.84 -3.58 -17.18
CA ALA C 26 -21.62 -3.81 -17.95
C ALA C 26 -21.16 -5.26 -17.85
N HIS C 27 -21.47 -5.91 -16.74
CA HIS C 27 -21.08 -7.29 -16.54
C HIS C 27 -21.52 -8.17 -17.70
N GLY C 28 -22.83 -8.27 -17.89
CA GLY C 28 -23.37 -9.10 -18.97
C GLY C 28 -22.85 -8.79 -20.35
N VAL C 29 -22.10 -7.69 -20.49
CA VAL C 29 -21.56 -7.30 -21.78
C VAL C 29 -20.06 -7.59 -21.86
N PHE C 30 -19.39 -7.58 -20.70
CA PHE C 30 -17.96 -7.83 -20.67
C PHE C 30 -17.62 -9.21 -20.12
N ASN C 31 -18.29 -9.60 -19.03
CA ASN C 31 -18.04 -10.90 -18.42
C ASN C 31 -16.55 -11.03 -18.09
N PRO C 32 -16.04 -10.16 -17.19
CA PRO C 32 -14.64 -10.17 -16.79
C PRO C 32 -14.26 -11.36 -15.93
N GLU C 33 -13.00 -11.79 -16.04
CA GLU C 33 -12.51 -12.92 -15.26
C GLU C 33 -12.25 -12.49 -13.82
N PHE C 34 -13.06 -11.56 -13.34
CA PHE C 34 -12.94 -11.06 -11.98
C PHE C 34 -14.27 -11.15 -11.25
N GLY C 35 -14.20 -11.28 -9.94
CA GLY C 35 -15.42 -11.38 -9.14
C GLY C 35 -15.14 -11.14 -7.67
N PRO C 36 -16.19 -10.85 -6.89
CA PRO C 36 -16.09 -10.61 -5.44
C PRO C 36 -15.27 -11.68 -4.74
N ALA C 37 -14.44 -11.27 -3.79
CA ALA C 37 -13.62 -12.22 -3.04
C ALA C 37 -14.48 -13.11 -2.18
N ALA C 38 -14.14 -14.40 -2.14
CA ALA C 38 -14.89 -15.37 -1.35
C ALA C 38 -14.84 -15.00 0.13
N LEU C 39 -15.94 -14.44 0.64
CA LEU C 39 -16.02 -14.03 2.03
C LEU C 39 -16.49 -15.17 2.93
N SER C 40 -16.90 -16.27 2.32
CA SER C 40 -17.37 -17.43 3.07
C SER C 40 -16.63 -18.70 2.67
N ASN C 41 -16.24 -19.49 3.66
CA ASN C 41 -15.53 -20.73 3.43
C ASN C 41 -16.47 -21.80 2.88
N LYS C 42 -17.74 -21.44 2.72
CA LYS C 42 -18.74 -22.36 2.20
C LYS C 42 -19.28 -21.87 0.86
N ASP C 43 -18.64 -20.83 0.33
CA ASP C 43 -19.04 -20.24 -0.94
C ASP C 43 -18.88 -21.28 -2.06
N PRO C 44 -19.97 -21.56 -2.79
CA PRO C 44 -19.95 -22.54 -3.89
C PRO C 44 -18.90 -22.27 -4.95
N ARG C 45 -18.59 -20.99 -5.17
CA ARG C 45 -17.60 -20.62 -6.18
C ARG C 45 -16.21 -21.14 -5.82
N LEU C 46 -16.02 -21.49 -4.54
CA LEU C 46 -14.74 -22.02 -4.09
C LEU C 46 -14.59 -23.44 -4.58
N ASN C 47 -13.35 -23.84 -4.88
CA ASN C 47 -13.10 -25.19 -5.37
C ASN C 47 -13.58 -26.19 -4.32
N GLU C 48 -14.35 -27.17 -4.79
CA GLU C 48 -14.89 -28.21 -3.91
C GLU C 48 -13.80 -28.85 -3.06
N GLY C 49 -13.66 -28.37 -1.83
CA GLY C 49 -12.64 -28.91 -0.94
C GLY C 49 -11.51 -27.94 -0.66
N VAL C 50 -11.86 -26.70 -0.30
CA VAL C 50 -10.87 -25.68 0.00
C VAL C 50 -11.26 -24.88 1.23
N VAL C 51 -10.43 -24.97 2.27
CA VAL C 51 -10.68 -24.26 3.52
C VAL C 51 -10.25 -22.80 3.41
N LEU C 52 -11.23 -21.90 3.34
CA LEU C 52 -10.94 -20.47 3.25
C LEU C 52 -10.05 -20.01 4.39
N ASP C 53 -10.24 -20.61 5.57
CA ASP C 53 -9.46 -20.27 6.75
C ASP C 53 -8.02 -20.74 6.60
N GLU C 54 -7.82 -21.81 5.83
CA GLU C 54 -6.49 -22.37 5.60
C GLU C 54 -5.64 -21.48 4.71
N VAL C 55 -6.23 -21.00 3.62
CA VAL C 55 -5.52 -20.14 2.68
C VAL C 55 -5.19 -18.77 3.27
N ILE C 56 -6.18 -18.16 3.90
CA ILE C 56 -6.01 -16.84 4.51
C ILE C 56 -4.72 -16.69 5.32
N PHE C 57 -4.35 -17.73 6.06
CA PHE C 57 -3.15 -17.68 6.88
C PHE C 57 -2.01 -18.51 6.31
N SER C 58 -2.01 -18.72 5.00
CA SER C 58 -0.96 -19.50 4.35
C SER C 58 0.15 -18.58 3.88
N LYS C 59 -0.05 -17.27 4.00
CA LYS C 59 0.95 -16.30 3.57
C LYS C 59 2.15 -16.29 4.51
N HIS C 60 1.95 -16.75 5.74
CA HIS C 60 3.03 -16.78 6.73
C HIS C 60 3.90 -18.01 6.56
N LYS C 61 4.99 -17.87 5.80
CA LYS C 61 5.89 -18.99 5.55
C LYS C 61 7.05 -19.03 6.54
N GLY C 62 6.98 -18.22 7.58
CA GLY C 62 8.04 -18.21 8.58
C GLY C 62 8.78 -16.89 8.67
N ASP C 63 9.42 -16.67 9.82
CA ASP C 63 10.16 -15.44 10.08
C ASP C 63 11.67 -15.65 9.85
N THR C 64 12.14 -15.31 8.65
CA THR C 64 13.54 -15.46 8.31
C THR C 64 14.48 -14.74 9.27
N LYS C 65 15.45 -15.49 9.82
CA LYS C 65 16.41 -14.92 10.75
C LYS C 65 17.62 -14.44 9.95
N MET C 66 18.34 -13.47 10.49
CA MET C 66 19.51 -12.93 9.79
C MET C 66 20.79 -13.09 10.59
N SER C 67 21.87 -13.41 9.88
CA SER C 67 23.18 -13.59 10.50
C SER C 67 23.71 -12.21 10.87
N ALA C 68 24.37 -12.13 12.03
CA ALA C 68 24.93 -10.88 12.52
C ALA C 68 25.61 -10.10 11.39
N GLU C 69 26.27 -10.82 10.49
CA GLU C 69 26.95 -10.20 9.36
C GLU C 69 25.99 -9.41 8.49
N ASP C 70 24.92 -10.07 8.04
CA ASP C 70 23.92 -9.43 7.20
C ASP C 70 23.18 -8.34 7.95
N LYS C 71 23.04 -8.53 9.26
CA LYS C 71 22.37 -7.55 10.09
C LYS C 71 23.16 -6.26 10.13
N ALA C 72 24.48 -6.39 10.15
CA ALA C 72 25.36 -5.22 10.15
C ALA C 72 25.22 -4.53 8.80
N LEU C 73 25.14 -5.34 7.74
CA LEU C 73 25.01 -4.82 6.38
C LEU C 73 23.69 -4.08 6.21
N PHE C 74 22.62 -4.67 6.74
CA PHE C 74 21.28 -4.08 6.65
C PHE C 74 21.28 -2.81 7.49
N ARG C 75 21.82 -2.90 8.71
CA ARG C 75 21.86 -1.73 9.59
C ARG C 75 22.55 -0.57 8.90
N ARG C 76 23.55 -0.86 8.09
CA ARG C 76 24.26 0.19 7.38
C ARG C 76 23.38 0.73 6.24
N CYS C 77 22.79 -0.18 5.47
CA CYS C 77 21.93 0.22 4.36
C CYS C 77 20.75 1.02 4.89
N ALA C 78 20.35 0.74 6.12
CA ALA C 78 19.24 1.43 6.76
C ALA C 78 19.67 2.81 7.23
N ALA C 79 20.79 2.87 7.93
CA ALA C 79 21.31 4.14 8.43
C ALA C 79 21.69 5.03 7.26
N ASP C 80 22.21 4.41 6.19
CA ASP C 80 22.60 5.15 5.00
C ASP C 80 21.37 5.77 4.35
N TYR C 81 20.37 4.94 4.06
CA TYR C 81 19.14 5.43 3.44
C TYR C 81 18.47 6.47 4.34
N ALA C 82 18.45 6.19 5.64
CA ALA C 82 17.84 7.10 6.61
C ALA C 82 18.52 8.46 6.55
N SER C 83 19.74 8.50 6.03
CA SER C 83 20.48 9.75 5.90
C SER C 83 19.85 10.61 4.82
N ARG C 84 19.76 10.06 3.61
CA ARG C 84 19.17 10.75 2.47
C ARG C 84 17.75 11.18 2.78
N LEU C 85 16.98 10.28 3.38
CA LEU C 85 15.60 10.55 3.73
C LEU C 85 15.48 11.76 4.64
N HIS C 86 15.89 11.60 5.89
CA HIS C 86 15.83 12.68 6.86
C HIS C 86 16.55 13.95 6.43
N SER C 87 17.35 13.85 5.38
CA SER C 87 18.06 15.01 4.88
C SER C 87 17.09 15.91 4.12
N VAL C 88 16.32 15.31 3.21
CA VAL C 88 15.35 16.07 2.43
C VAL C 88 14.19 16.56 3.30
N LEU C 89 13.49 15.63 3.94
CA LEU C 89 12.36 15.99 4.78
C LEU C 89 12.78 16.97 5.88
N GLY C 90 13.75 16.56 6.68
CA GLY C 90 14.24 17.42 7.77
C GLY C 90 14.13 16.67 9.09
N THR C 91 14.34 17.37 10.20
CA THR C 91 14.27 16.72 11.50
C THR C 91 13.24 17.37 12.42
N ALA C 92 12.14 17.85 11.85
CA ALA C 92 11.08 18.48 12.62
C ALA C 92 9.98 17.47 12.88
N ASN C 93 10.34 16.36 13.52
CA ASN C 93 9.38 15.31 13.83
C ASN C 93 8.98 15.30 15.30
N ALA C 94 8.38 16.40 15.76
CA ALA C 94 7.94 16.50 17.14
C ALA C 94 6.54 15.89 17.22
N PRO C 95 6.21 15.25 18.35
CA PRO C 95 4.90 14.62 18.55
C PRO C 95 3.73 15.48 18.08
N LEU C 96 2.82 14.87 17.32
CA LEU C 96 1.66 15.57 16.81
C LEU C 96 0.57 15.63 17.89
N SER C 97 0.20 16.85 18.28
CA SER C 97 -0.82 17.04 19.32
C SER C 97 -2.07 16.21 19.01
N ILE C 98 -2.71 15.68 20.06
CA ILE C 98 -3.90 14.87 19.90
C ILE C 98 -4.87 15.51 18.92
N TYR C 99 -4.88 16.84 18.87
CA TYR C 99 -5.76 17.58 17.97
C TYR C 99 -5.31 17.38 16.53
N GLU C 100 -4.03 17.67 16.28
CA GLU C 100 -3.45 17.54 14.95
C GLU C 100 -3.53 16.11 14.44
N ALA C 101 -3.37 15.15 15.35
CA ALA C 101 -3.43 13.74 15.00
C ALA C 101 -4.83 13.30 14.59
N ILE C 102 -5.81 14.14 14.88
CA ILE C 102 -7.19 13.83 14.53
C ILE C 102 -7.62 14.63 13.30
N LYS C 103 -7.44 15.94 13.37
CA LYS C 103 -7.82 16.82 12.26
C LYS C 103 -6.82 16.70 11.12
N GLY C 104 -5.59 16.34 11.44
CA GLY C 104 -4.56 16.21 10.42
C GLY C 104 -3.87 17.53 10.16
N VAL C 105 -2.67 17.46 9.60
CA VAL C 105 -1.91 18.67 9.29
C VAL C 105 -1.65 18.74 7.79
N ASP C 106 -0.77 19.66 7.39
CA ASP C 106 -0.44 19.82 5.98
C ASP C 106 0.11 18.51 5.42
N GLY C 107 -0.70 17.83 4.62
CA GLY C 107 -0.27 16.56 4.04
C GLY C 107 -1.01 15.38 4.64
N LEU C 108 -0.93 15.25 5.96
CA LEU C 108 -1.60 14.16 6.66
C LEU C 108 -3.07 14.50 6.84
N ASP C 109 -3.94 13.74 6.20
CA ASP C 109 -5.37 13.96 6.31
C ASP C 109 -5.85 13.68 7.73
N ALA C 110 -7.16 13.50 7.89
CA ALA C 110 -7.72 13.24 9.21
C ALA C 110 -8.13 11.78 9.35
N MET C 111 -8.13 11.29 10.58
CA MET C 111 -8.50 9.91 10.87
C MET C 111 -9.93 9.69 10.41
N GLU C 112 -10.15 8.59 9.68
CA GLU C 112 -11.50 8.28 9.19
C GLU C 112 -12.52 8.39 10.31
N PRO C 113 -13.71 8.91 9.99
CA PRO C 113 -14.82 9.10 10.94
C PRO C 113 -15.44 7.81 11.49
N ASP C 114 -16.21 7.11 10.66
CA ASP C 114 -16.86 5.88 11.09
C ASP C 114 -16.22 4.63 10.52
N THR C 115 -15.13 4.20 11.13
CA THR C 115 -14.42 3.00 10.69
C THR C 115 -14.15 2.08 11.88
N ALA C 116 -13.99 0.79 11.59
CA ALA C 116 -13.73 -0.20 12.62
C ALA C 116 -12.69 0.30 13.64
N PRO C 117 -13.14 0.55 14.88
CA PRO C 117 -12.27 1.03 15.96
C PRO C 117 -11.34 -0.05 16.50
N GLY C 118 -11.42 -1.24 15.91
CA GLY C 118 -10.58 -2.35 16.35
C GLY C 118 -11.02 -2.92 17.68
N LEU C 119 -10.11 -3.60 18.36
CA LEU C 119 -10.41 -4.22 19.66
C LEU C 119 -9.86 -3.35 20.79
N PRO C 120 -10.50 -3.41 21.97
CA PRO C 120 -11.68 -4.23 22.26
C PRO C 120 -12.98 -3.46 22.04
N TRP C 121 -12.85 -2.25 21.50
CA TRP C 121 -14.00 -1.40 21.24
C TRP C 121 -15.02 -2.09 20.35
N ALA C 122 -14.60 -3.12 19.64
CA ALA C 122 -15.48 -3.86 18.75
C ALA C 122 -16.24 -4.97 19.48
N LEU C 123 -15.73 -5.36 20.66
CA LEU C 123 -16.36 -6.42 21.44
C LEU C 123 -17.24 -5.82 22.54
N GLN C 124 -17.44 -4.51 22.47
CA GLN C 124 -18.26 -3.80 23.45
C GLN C 124 -19.32 -2.97 22.75
N GLY C 125 -19.50 -3.21 21.45
CA GLY C 125 -20.49 -2.49 20.69
C GLY C 125 -20.33 -0.98 20.76
N LYS C 126 -19.36 -0.45 20.04
CA LYS C 126 -19.11 0.98 20.02
C LYS C 126 -18.51 1.40 18.68
N ARG C 127 -18.70 2.65 18.32
CA ARG C 127 -18.18 3.17 17.06
C ARG C 127 -16.90 3.96 17.32
N ARG C 128 -16.36 4.57 16.27
CA ARG C 128 -15.13 5.34 16.39
C ARG C 128 -15.37 6.65 17.14
N GLY C 129 -16.46 7.33 16.80
CA GLY C 129 -16.78 8.59 17.45
C GLY C 129 -17.28 8.38 18.87
N ALA C 130 -17.68 7.15 19.18
CA ALA C 130 -18.18 6.81 20.50
C ALA C 130 -17.07 6.87 21.54
N LEU C 131 -15.87 7.24 21.09
CA LEU C 131 -14.72 7.33 21.99
C LEU C 131 -13.85 8.54 21.68
N ILE C 132 -14.04 9.13 20.51
CA ILE C 132 -13.25 10.30 20.11
C ILE C 132 -14.12 11.33 19.39
N ASP C 133 -13.82 12.61 19.62
CA ASP C 133 -14.56 13.70 18.98
C ASP C 133 -13.94 14.06 17.64
N PHE C 134 -14.39 13.39 16.59
CA PHE C 134 -13.89 13.64 15.24
C PHE C 134 -14.33 15.00 14.72
N GLU C 135 -15.25 15.63 15.44
CA GLU C 135 -15.75 16.94 15.05
C GLU C 135 -14.93 18.03 15.73
N ASN C 136 -14.55 17.76 16.98
CA ASN C 136 -13.76 18.70 17.77
C ASN C 136 -12.25 18.54 17.53
N GLY C 137 -11.63 17.68 18.32
CA GLY C 137 -10.20 17.44 18.17
C GLY C 137 -9.57 16.83 19.41
N THR C 138 -10.37 16.12 20.19
CA THR C 138 -9.88 15.47 21.40
C THR C 138 -10.49 14.08 21.56
N VAL C 139 -10.06 13.37 22.59
CA VAL C 139 -10.54 12.02 22.85
C VAL C 139 -11.38 11.95 24.12
N GLY C 140 -11.70 10.74 24.54
CA GLY C 140 -12.50 10.55 25.74
C GLY C 140 -11.79 9.76 26.82
N PRO C 141 -12.52 8.94 27.58
CA PRO C 141 -11.98 8.11 28.66
C PRO C 141 -11.10 6.96 28.18
N GLU C 142 -11.71 6.01 27.48
CA GLU C 142 -11.00 4.85 26.96
C GLU C 142 -9.67 5.24 26.30
N VAL C 143 -9.72 6.20 25.39
CA VAL C 143 -8.51 6.64 24.69
C VAL C 143 -7.49 7.16 25.69
N GLU C 144 -7.86 8.20 26.44
CA GLU C 144 -6.98 8.80 27.43
C GLU C 144 -6.41 7.73 28.36
N ALA C 145 -7.17 6.67 28.57
CA ALA C 145 -6.74 5.58 29.44
C ALA C 145 -5.54 4.87 28.82
N ALA C 146 -5.74 4.34 27.62
CA ALA C 146 -4.68 3.63 26.92
C ALA C 146 -3.61 4.62 26.47
N LEU C 147 -4.01 5.87 26.27
CA LEU C 147 -3.10 6.92 25.84
C LEU C 147 -2.03 7.06 26.90
N LYS C 148 -2.43 6.91 28.17
CA LYS C 148 -1.51 7.01 29.29
C LYS C 148 -0.80 5.69 29.46
N LEU C 149 -1.38 4.62 28.92
CA LEU C 149 -0.80 3.29 29.01
C LEU C 149 0.37 3.19 28.04
N MET C 150 0.24 3.85 26.89
CA MET C 150 1.30 3.85 25.88
C MET C 150 2.39 4.83 26.30
N GLU C 151 1.99 5.89 27.00
CA GLU C 151 2.93 6.89 27.47
C GLU C 151 3.99 6.24 28.35
N LYS C 152 3.66 5.08 28.88
CA LYS C 152 4.57 4.34 29.75
C LYS C 152 4.91 2.98 29.13
N ARG C 153 4.48 2.80 27.89
CA ARG C 153 4.75 1.57 27.15
C ARG C 153 4.12 0.33 27.79
N GLU C 154 3.32 0.54 28.82
CA GLU C 154 2.66 -0.58 29.51
C GLU C 154 1.61 -1.18 28.59
N TYR C 155 1.14 -0.38 27.64
CA TYR C 155 0.11 -0.79 26.69
C TYR C 155 0.40 -2.07 25.92
N LYS C 156 -0.68 -2.80 25.62
CA LYS C 156 -0.62 -4.05 24.87
C LYS C 156 -1.89 -4.06 24.02
N PHE C 157 -1.95 -4.91 23.00
CA PHE C 157 -3.14 -4.95 22.16
C PHE C 157 -3.28 -6.21 21.30
N ALA C 158 -4.22 -6.15 20.37
CA ALA C 158 -4.50 -7.25 19.46
C ALA C 158 -5.07 -6.68 18.16
N CYS C 159 -5.02 -7.47 17.10
CA CYS C 159 -5.54 -7.02 15.81
C CYS C 159 -6.78 -7.82 15.39
N GLN C 160 -7.76 -7.11 14.85
CA GLN C 160 -9.00 -7.74 14.41
C GLN C 160 -8.90 -8.06 12.92
N THR C 161 -9.04 -9.34 12.58
CA THR C 161 -8.94 -9.79 11.20
C THR C 161 -10.23 -9.69 10.39
N PHE C 162 -10.16 -8.99 9.27
CA PHE C 162 -11.31 -8.82 8.38
C PHE C 162 -11.00 -9.38 6.99
N LEU C 163 -12.05 -9.74 6.27
CA LEU C 163 -11.88 -10.26 4.92
C LEU C 163 -12.20 -9.14 3.94
N LYS C 164 -11.15 -8.52 3.43
CA LYS C 164 -11.32 -7.40 2.49
C LYS C 164 -12.29 -7.75 1.37
N ASP C 165 -13.50 -7.20 1.45
CA ASP C 165 -14.53 -7.43 0.44
C ASP C 165 -14.22 -6.60 -0.79
N GLU C 166 -13.53 -7.21 -1.76
CA GLU C 166 -13.15 -6.51 -2.98
C GLU C 166 -13.35 -7.40 -4.20
N ILE C 167 -12.96 -6.88 -5.36
CA ILE C 167 -13.05 -7.61 -6.61
C ILE C 167 -11.68 -8.18 -6.92
N ARG C 168 -11.63 -9.46 -7.29
CA ARG C 168 -10.36 -10.11 -7.60
C ARG C 168 -10.50 -11.08 -8.77
N PRO C 169 -9.36 -11.50 -9.36
CA PRO C 169 -9.38 -12.44 -10.48
C PRO C 169 -9.98 -13.78 -10.06
N MET C 170 -11.01 -14.20 -10.79
CA MET C 170 -11.71 -15.45 -10.51
C MET C 170 -10.80 -16.59 -10.07
N GLU C 171 -9.61 -16.68 -10.65
CA GLU C 171 -8.68 -17.74 -10.29
C GLU C 171 -8.39 -17.71 -8.79
N LYS C 172 -7.94 -16.56 -8.29
CA LYS C 172 -7.62 -16.44 -6.88
C LYS C 172 -8.91 -16.46 -6.05
N VAL C 173 -10.04 -16.25 -6.72
CA VAL C 173 -11.33 -16.27 -6.04
C VAL C 173 -11.63 -17.70 -5.63
N ARG C 174 -11.56 -18.62 -6.59
CA ARG C 174 -11.82 -20.03 -6.31
C ARG C 174 -10.74 -20.58 -5.39
N ALA C 175 -9.53 -20.03 -5.51
CA ALA C 175 -8.42 -20.47 -4.69
C ALA C 175 -8.58 -20.00 -3.25
N GLY C 176 -9.70 -19.34 -2.97
CA GLY C 176 -9.96 -18.84 -1.63
C GLY C 176 -8.83 -17.97 -1.12
N LYS C 177 -8.15 -17.30 -2.03
CA LYS C 177 -7.04 -16.43 -1.68
C LYS C 177 -7.49 -15.00 -1.39
N THR C 178 -8.66 -14.89 -0.79
CA THR C 178 -9.23 -13.58 -0.44
C THR C 178 -8.26 -12.84 0.48
N ARG C 179 -8.07 -11.55 0.20
CA ARG C 179 -7.16 -10.74 1.01
C ARG C 179 -7.83 -10.31 2.31
N ILE C 180 -7.03 -10.24 3.37
CA ILE C 180 -7.53 -9.85 4.69
C ILE C 180 -6.92 -8.54 5.16
N VAL C 181 -7.60 -7.90 6.11
CA VAL C 181 -7.14 -6.63 6.67
C VAL C 181 -6.91 -6.76 8.16
N ASP C 182 -5.77 -6.27 8.64
CA ASP C 182 -5.45 -6.32 10.04
C ASP C 182 -5.86 -5.00 10.70
N VAL C 183 -7.09 -4.96 11.19
CA VAL C 183 -7.62 -3.76 11.83
C VAL C 183 -7.11 -3.62 13.25
N LEU C 184 -6.24 -2.63 13.47
CA LEU C 184 -5.69 -2.41 14.80
C LEU C 184 -6.59 -1.49 15.62
N PRO C 185 -6.37 -1.44 16.94
CA PRO C 185 -7.19 -0.57 17.80
C PRO C 185 -6.96 0.90 17.47
N VAL C 186 -8.05 1.63 17.28
CA VAL C 186 -7.99 3.06 16.96
C VAL C 186 -7.00 3.83 17.81
N GLU C 187 -6.95 3.51 19.10
CA GLU C 187 -6.03 4.19 20.01
C GLU C 187 -4.59 4.10 19.51
N HIS C 188 -4.21 2.91 19.04
CA HIS C 188 -2.88 2.66 18.52
C HIS C 188 -2.61 3.55 17.32
N ILE C 189 -3.52 3.52 16.36
CA ILE C 189 -3.43 4.31 15.14
C ILE C 189 -3.26 5.79 15.45
N LEU C 190 -3.95 6.24 16.50
CA LEU C 190 -3.89 7.64 16.91
C LEU C 190 -2.53 7.98 17.51
N TYR C 191 -2.01 7.09 18.34
CA TYR C 191 -0.72 7.30 18.97
C TYR C 191 0.41 7.28 17.95
N THR C 192 0.31 6.39 16.96
CA THR C 192 1.31 6.29 15.92
C THR C 192 1.34 7.57 15.10
N ARG C 193 0.16 8.12 14.83
CA ARG C 193 0.05 9.35 14.05
C ARG C 193 0.54 10.54 14.85
N MET C 194 0.76 10.31 16.14
CA MET C 194 1.26 11.36 17.02
C MET C 194 2.78 11.23 17.09
N MET C 195 3.25 9.99 17.11
CA MET C 195 4.68 9.69 17.20
C MET C 195 5.43 10.01 15.91
N ILE C 196 4.86 9.60 14.77
CA ILE C 196 5.50 9.84 13.48
C ILE C 196 4.55 10.50 12.49
N GLY C 197 3.37 10.90 12.98
CA GLY C 197 2.41 11.54 12.11
C GLY C 197 3.03 12.74 11.44
N ARG C 198 3.90 13.43 12.18
CA ARG C 198 4.61 14.59 11.69
C ARG C 198 5.48 14.15 10.51
N PHE C 199 6.20 13.06 10.70
CA PHE C 199 7.09 12.49 9.69
C PHE C 199 6.36 12.16 8.37
N CYS C 200 5.29 11.39 8.48
CA CYS C 200 4.51 10.97 7.32
C CYS C 200 4.09 12.17 6.47
N ALA C 201 3.57 13.19 7.12
CA ALA C 201 3.12 14.40 6.43
C ALA C 201 4.21 14.93 5.51
N GLN C 202 5.42 15.00 6.04
CA GLN C 202 6.55 15.51 5.27
C GLN C 202 6.88 14.61 4.09
N MET C 203 6.80 13.29 4.29
CA MET C 203 7.09 12.36 3.20
C MET C 203 6.07 12.51 2.08
N HIS C 204 4.81 12.57 2.45
CA HIS C 204 3.71 12.73 1.49
C HIS C 204 3.98 13.90 0.55
N SER C 205 4.44 15.01 1.11
CA SER C 205 4.71 16.21 0.32
C SER C 205 6.04 16.22 -0.43
N ASN C 206 6.82 15.16 -0.30
CA ASN C 206 8.12 15.07 -0.98
C ASN C 206 8.28 13.78 -1.76
N ASN C 207 7.18 13.17 -2.15
CA ASN C 207 7.23 11.93 -2.91
C ASN C 207 8.02 12.14 -4.18
N GLY C 208 8.77 11.11 -4.58
CA GLY C 208 9.58 11.21 -5.78
C GLY C 208 10.81 10.33 -5.69
N PRO C 209 11.55 10.18 -6.81
CA PRO C 209 12.76 9.37 -6.91
C PRO C 209 13.79 9.68 -5.82
N GLN C 210 13.87 10.93 -5.42
CA GLN C 210 14.81 11.36 -4.39
C GLN C 210 14.72 10.47 -3.15
N ILE C 211 13.55 10.43 -2.52
CA ILE C 211 13.38 9.61 -1.33
C ILE C 211 12.83 8.25 -1.71
N GLY C 212 12.69 8.01 -3.01
CA GLY C 212 12.17 6.75 -3.49
C GLY C 212 10.79 6.38 -2.97
N SER C 213 9.98 7.39 -2.70
CA SER C 213 8.63 7.18 -2.19
C SER C 213 7.59 7.82 -3.10
N ALA C 214 6.57 7.05 -3.46
CA ALA C 214 5.51 7.58 -4.33
C ALA C 214 4.24 7.86 -3.52
N VAL C 215 4.33 7.68 -2.21
CA VAL C 215 3.19 7.91 -1.33
C VAL C 215 2.94 9.41 -1.24
N GLY C 216 1.78 9.85 -1.74
CA GLY C 216 1.44 11.27 -1.71
C GLY C 216 1.32 11.84 -3.11
N CYS C 217 1.57 11.01 -4.12
CA CYS C 217 1.51 11.45 -5.50
C CYS C 217 0.10 11.40 -6.09
N ASN C 218 -0.03 11.98 -7.28
CA ASN C 218 -1.28 12.06 -8.01
C ASN C 218 -0.97 11.54 -9.42
N PRO C 219 -1.17 10.23 -9.67
CA PRO C 219 -0.90 9.63 -10.98
C PRO C 219 -1.26 10.47 -12.19
N ASP C 220 -2.26 11.35 -12.03
CA ASP C 220 -2.70 12.20 -13.13
C ASP C 220 -1.67 13.25 -13.57
N VAL C 221 -0.92 13.79 -12.61
CA VAL C 221 0.08 14.81 -12.92
C VAL C 221 1.52 14.37 -12.67
N ASP C 222 1.72 13.59 -11.62
CA ASP C 222 3.06 13.12 -11.29
C ASP C 222 3.59 12.09 -12.27
N TRP C 223 2.71 11.52 -13.08
CA TRP C 223 3.13 10.53 -14.07
C TRP C 223 4.08 11.20 -15.05
N GLN C 224 3.81 12.47 -15.34
CA GLN C 224 4.65 13.24 -16.25
C GLN C 224 5.96 13.59 -15.56
N ARG C 225 5.90 13.80 -14.25
CA ARG C 225 7.09 14.14 -13.48
C ARG C 225 7.97 12.90 -13.31
N PHE C 226 7.35 11.74 -13.17
CA PHE C 226 8.09 10.49 -13.00
C PHE C 226 8.59 9.97 -14.36
N GLY C 227 7.67 9.80 -15.29
CA GLY C 227 8.02 9.30 -16.62
C GLY C 227 9.33 9.80 -17.19
N THR C 228 9.49 11.12 -17.25
CA THR C 228 10.70 11.71 -17.78
C THR C 228 11.94 11.19 -17.07
N HIS C 229 11.83 11.04 -15.74
CA HIS C 229 12.93 10.57 -14.93
C HIS C 229 13.43 9.18 -15.30
N PHE C 230 12.54 8.19 -15.27
CA PHE C 230 12.90 6.82 -15.61
C PHE C 230 13.16 6.61 -17.09
N ALA C 231 12.57 7.45 -17.92
CA ALA C 231 12.75 7.36 -19.37
C ALA C 231 14.09 8.02 -19.72
N GLN C 232 14.89 8.23 -18.68
CA GLN C 232 16.20 8.87 -18.82
C GLN C 232 17.34 7.89 -18.57
N TYR C 233 17.04 6.78 -17.88
CA TYR C 233 18.05 5.78 -17.58
C TYR C 233 18.07 4.65 -18.61
N ARG C 234 19.13 3.84 -18.56
CA ARG C 234 19.27 2.72 -19.49
C ARG C 234 18.31 1.57 -19.20
N ASN C 235 18.49 0.93 -18.05
CA ASN C 235 17.65 -0.21 -17.67
C ASN C 235 16.55 0.13 -16.69
N VAL C 236 15.33 -0.30 -17.00
CA VAL C 236 14.18 -0.06 -16.12
C VAL C 236 13.60 -1.40 -15.68
N TRP C 237 13.63 -1.64 -14.38
CA TRP C 237 13.11 -2.88 -13.80
C TRP C 237 11.80 -2.69 -13.04
N ASP C 238 10.90 -3.65 -13.21
CA ASP C 238 9.60 -3.65 -12.55
C ASP C 238 9.51 -4.94 -11.74
N VAL C 239 10.11 -4.93 -10.55
CA VAL C 239 10.13 -6.10 -9.68
C VAL C 239 8.80 -6.35 -8.96
N ASP C 240 8.54 -7.60 -8.62
CA ASP C 240 7.32 -7.97 -7.91
C ASP C 240 7.69 -8.74 -6.66
N TYR C 241 6.85 -8.64 -5.63
CA TYR C 241 7.09 -9.33 -4.37
C TYR C 241 5.97 -10.31 -4.03
N SER C 242 6.36 -11.46 -3.49
CA SER C 242 5.40 -12.49 -3.09
C SER C 242 5.09 -12.35 -1.60
N ALA C 243 3.93 -11.78 -1.28
CA ALA C 243 3.53 -11.57 0.11
C ALA C 243 4.55 -10.65 0.78
N PHE C 244 4.86 -9.54 0.11
CA PHE C 244 5.82 -8.56 0.60
C PHE C 244 5.58 -8.18 2.06
N ASP C 245 4.34 -7.81 2.38
CA ASP C 245 3.97 -7.39 3.72
C ASP C 245 4.22 -8.46 4.79
N ALA C 246 3.66 -9.64 4.60
CA ALA C 246 3.79 -10.73 5.56
C ALA C 246 5.18 -11.33 5.67
N ASN C 247 6.06 -11.04 4.73
CA ASN C 247 7.40 -11.61 4.75
C ASN C 247 8.52 -10.68 5.22
N HIS C 248 8.19 -9.69 6.03
CA HIS C 248 9.21 -8.78 6.55
C HIS C 248 9.80 -9.43 7.79
N CYS C 249 11.02 -9.95 7.68
CA CYS C 249 11.68 -10.60 8.81
C CYS C 249 11.81 -9.63 9.97
N SER C 250 11.77 -10.15 11.19
CA SER C 250 11.88 -9.32 12.39
C SER C 250 13.16 -8.50 12.44
N ASP C 251 14.28 -9.12 12.12
CA ASP C 251 15.56 -8.43 12.15
C ASP C 251 15.55 -7.21 11.25
N ALA C 252 14.94 -7.33 10.07
CA ALA C 252 14.87 -6.22 9.13
C ALA C 252 13.92 -5.13 9.62
N MET C 253 12.87 -5.54 10.34
CA MET C 253 11.88 -4.60 10.87
C MET C 253 12.42 -3.78 12.04
N ASN C 254 12.92 -4.48 13.06
CA ASN C 254 13.45 -3.80 14.24
C ASN C 254 14.63 -2.90 13.92
N ILE C 255 15.50 -3.33 13.02
CA ILE C 255 16.67 -2.53 12.64
C ILE C 255 16.23 -1.28 11.88
N MET C 256 15.23 -1.43 11.02
CA MET C 256 14.72 -0.31 10.24
C MET C 256 14.14 0.76 11.15
N PHE C 257 13.27 0.34 12.07
CA PHE C 257 12.64 1.27 13.00
C PHE C 257 13.65 1.96 13.91
N GLU C 258 14.66 1.20 14.34
CA GLU C 258 15.70 1.72 15.22
C GLU C 258 16.66 2.65 14.48
N GLU C 259 16.64 2.58 13.15
CA GLU C 259 17.52 3.41 12.34
C GLU C 259 16.82 4.60 11.69
N VAL C 260 15.57 4.42 11.33
CA VAL C 260 14.81 5.47 10.68
C VAL C 260 13.99 6.33 11.64
N PHE C 261 13.91 5.90 12.90
CA PHE C 261 13.14 6.66 13.88
C PHE C 261 13.90 6.91 15.18
N ARG C 262 15.16 7.32 15.04
CA ARG C 262 16.00 7.60 16.19
C ARG C 262 15.60 8.96 16.77
N THR C 263 15.97 9.19 18.03
CA THR C 263 15.63 10.45 18.68
C THR C 263 16.55 11.58 18.21
N GLU C 264 17.71 11.21 17.68
CA GLU C 264 18.66 12.20 17.18
C GLU C 264 18.09 12.97 16.00
N PHE C 265 17.09 12.39 15.36
CA PHE C 265 16.44 13.02 14.21
C PHE C 265 15.21 13.81 14.65
N GLY C 266 15.01 13.90 15.96
CA GLY C 266 13.88 14.65 16.49
C GLY C 266 12.68 13.82 16.91
N PHE C 267 12.73 12.52 16.66
CA PHE C 267 11.62 11.65 17.05
C PHE C 267 11.53 11.45 18.55
N HIS C 268 10.32 11.12 19.01
CA HIS C 268 10.05 10.87 20.42
C HIS C 268 10.51 9.46 20.76
N PRO C 269 11.12 9.27 21.95
CA PRO C 269 11.61 7.97 22.42
C PRO C 269 10.61 6.82 22.28
N ASN C 270 9.34 7.15 22.11
CA ASN C 270 8.29 6.15 21.96
C ASN C 270 7.93 5.90 20.50
N ALA C 271 8.49 6.70 19.61
CA ALA C 271 8.23 6.54 18.18
C ALA C 271 8.74 5.19 17.72
N GLU C 272 9.94 4.85 18.18
CA GLU C 272 10.57 3.57 17.84
C GLU C 272 9.82 2.43 18.51
N TRP C 273 9.41 2.66 19.77
CA TRP C 273 8.68 1.67 20.54
C TRP C 273 7.36 1.31 19.88
N ILE C 274 6.48 2.30 19.77
CA ILE C 274 5.16 2.12 19.17
C ILE C 274 5.18 1.30 17.89
N LEU C 275 6.25 1.45 17.10
CA LEU C 275 6.37 0.72 15.85
C LEU C 275 6.83 -0.72 16.03
N LYS C 276 7.74 -0.94 16.99
CA LYS C 276 8.25 -2.27 17.24
C LYS C 276 7.16 -3.23 17.70
N THR C 277 6.07 -2.69 18.21
CA THR C 277 4.96 -3.52 18.68
C THR C 277 4.33 -4.24 17.49
N LEU C 278 4.53 -3.68 16.30
CA LEU C 278 3.99 -4.25 15.08
C LEU C 278 4.66 -5.56 14.65
N VAL C 279 5.70 -5.95 15.38
CA VAL C 279 6.41 -7.19 15.07
C VAL C 279 5.62 -8.40 15.54
N ASN C 280 5.62 -8.63 16.85
CA ASN C 280 4.90 -9.75 17.43
C ASN C 280 3.46 -9.30 17.64
N THR C 281 2.58 -9.76 16.78
CA THR C 281 1.17 -9.39 16.86
C THR C 281 0.29 -10.59 17.19
N GLU C 282 -0.89 -10.31 17.72
CA GLU C 282 -1.85 -11.34 18.07
C GLU C 282 -3.16 -11.06 17.33
N HIS C 283 -3.50 -11.92 16.38
CA HIS C 283 -4.72 -11.75 15.60
C HIS C 283 -5.90 -12.46 16.23
N ALA C 284 -7.09 -11.90 16.04
CA ALA C 284 -8.31 -12.47 16.59
C ALA C 284 -9.28 -12.81 15.48
N TYR C 285 -9.03 -13.92 14.79
CA TYR C 285 -9.90 -14.36 13.71
C TYR C 285 -11.01 -15.24 14.29
N GLU C 286 -12.18 -14.63 14.50
CA GLU C 286 -13.32 -15.34 15.06
C GLU C 286 -12.99 -15.96 16.42
N ASN C 287 -13.19 -17.27 16.53
CA ASN C 287 -12.94 -17.99 17.78
C ASN C 287 -11.46 -18.27 18.03
N LYS C 288 -10.64 -18.15 16.99
CA LYS C 288 -9.21 -18.40 17.12
C LYS C 288 -8.41 -17.17 17.51
N ARG C 289 -7.30 -17.41 18.22
CA ARG C 289 -6.40 -16.36 18.66
C ARG C 289 -5.00 -16.72 18.18
N ILE C 290 -4.70 -16.41 16.93
CA ILE C 290 -3.41 -16.73 16.34
C ILE C 290 -2.36 -15.67 16.67
N THR C 291 -1.15 -16.14 16.98
CA THR C 291 -0.04 -15.24 17.30
C THR C 291 1.00 -15.34 16.20
N VAL C 292 1.47 -14.19 15.73
CA VAL C 292 2.47 -14.15 14.66
C VAL C 292 3.69 -13.31 15.00
N GLU C 293 4.84 -13.73 14.49
CA GLU C 293 6.09 -13.01 14.71
C GLU C 293 6.64 -12.52 13.38
N GLY C 294 6.57 -11.21 13.16
CA GLY C 294 7.07 -10.63 11.92
C GLY C 294 5.93 -10.16 11.03
N GLY C 295 6.28 -9.73 9.82
CA GLY C 295 5.26 -9.26 8.89
C GLY C 295 4.73 -7.89 9.26
N MET C 296 3.85 -7.35 8.42
CA MET C 296 3.27 -6.05 8.64
C MET C 296 1.74 -6.07 8.61
N PRO C 297 1.10 -5.59 9.70
CA PRO C 297 -0.36 -5.55 9.78
C PRO C 297 -0.94 -4.62 8.73
N SER C 298 -1.10 -5.14 7.51
CA SER C 298 -1.64 -4.35 6.41
C SER C 298 -2.98 -3.72 6.79
N GLY C 299 -2.92 -2.53 7.36
CA GLY C 299 -4.13 -1.84 7.76
C GLY C 299 -3.89 -0.91 8.94
N CYS C 300 -2.63 -0.77 9.33
CA CYS C 300 -2.28 0.10 10.45
C CYS C 300 -1.83 1.46 9.94
N SER C 301 -1.82 2.46 10.82
CA SER C 301 -1.40 3.80 10.43
C SER C 301 0.00 3.81 9.84
N ALA C 302 0.18 4.58 8.77
CA ALA C 302 1.46 4.70 8.09
C ALA C 302 2.03 3.33 7.72
N THR C 303 1.16 2.41 7.33
CA THR C 303 1.57 1.07 6.94
C THR C 303 2.29 1.10 5.59
N SER C 304 1.85 1.99 4.71
CA SER C 304 2.44 2.12 3.38
C SER C 304 3.85 2.69 3.44
N ILE C 305 4.04 3.72 4.26
CA ILE C 305 5.34 4.34 4.41
C ILE C 305 6.36 3.34 4.93
N ILE C 306 5.95 2.57 5.93
CA ILE C 306 6.84 1.57 6.52
C ILE C 306 7.28 0.60 5.43
N ASN C 307 6.35 0.16 4.59
CA ASN C 307 6.67 -0.76 3.51
C ASN C 307 7.59 -0.09 2.49
N THR C 308 7.21 1.11 2.06
CA THR C 308 8.00 1.86 1.09
C THR C 308 9.44 2.01 1.57
N ILE C 309 9.61 2.35 2.85
CA ILE C 309 10.93 2.52 3.43
C ILE C 309 11.71 1.21 3.38
N LEU C 310 11.05 0.12 3.77
CA LEU C 310 11.68 -1.20 3.75
C LEU C 310 12.11 -1.56 2.34
N ASN C 311 11.19 -1.41 1.39
CA ASN C 311 11.46 -1.73 0.00
C ASN C 311 12.69 -0.96 -0.49
N ASN C 312 12.84 0.27 -0.01
CA ASN C 312 13.98 1.08 -0.41
C ASN C 312 15.28 0.50 0.14
N ILE C 313 15.26 0.11 1.43
CA ILE C 313 16.45 -0.44 2.04
C ILE C 313 16.81 -1.83 1.51
N TYR C 314 15.81 -2.60 1.09
CA TYR C 314 16.07 -3.93 0.55
C TYR C 314 16.91 -3.84 -0.72
N VAL C 315 16.49 -2.97 -1.63
CA VAL C 315 17.20 -2.79 -2.89
C VAL C 315 18.67 -2.45 -2.65
N LEU C 316 18.93 -1.54 -1.71
CA LEU C 316 20.31 -1.15 -1.41
C LEU C 316 21.04 -2.31 -0.75
N TYR C 317 20.38 -2.98 0.19
CA TYR C 317 20.96 -4.11 0.89
C TYR C 317 21.29 -5.27 -0.05
N ALA C 318 20.39 -5.52 -1.00
CA ALA C 318 20.57 -6.60 -1.96
C ALA C 318 21.74 -6.33 -2.91
N LEU C 319 21.73 -5.16 -3.53
CA LEU C 319 22.79 -4.79 -4.46
C LEU C 319 24.16 -4.89 -3.82
N ARG C 320 24.32 -4.26 -2.65
CA ARG C 320 25.59 -4.30 -1.94
C ARG C 320 25.95 -5.73 -1.56
N ARG C 321 24.93 -6.57 -1.38
CA ARG C 321 25.12 -7.96 -1.02
C ARG C 321 25.68 -8.77 -2.19
N HIS C 322 25.60 -8.19 -3.40
CA HIS C 322 26.09 -8.86 -4.60
C HIS C 322 27.24 -8.10 -5.26
N TYR C 323 27.23 -6.77 -5.17
CA TYR C 323 28.29 -5.95 -5.75
C TYR C 323 29.10 -5.26 -4.67
N GLU C 324 30.08 -4.46 -5.09
CA GLU C 324 30.92 -3.73 -4.16
C GLU C 324 30.94 -2.25 -4.52
N GLY C 325 31.16 -1.40 -3.53
CA GLY C 325 31.19 0.04 -3.79
C GLY C 325 29.89 0.53 -4.40
N VAL C 326 28.78 -0.01 -3.94
CA VAL C 326 27.46 0.37 -4.44
C VAL C 326 26.80 1.42 -3.53
N GLU C 327 26.67 2.64 -4.04
CA GLU C 327 26.06 3.72 -3.27
C GLU C 327 24.63 3.96 -3.74
N LEU C 328 23.90 4.79 -2.99
CA LEU C 328 22.52 5.10 -3.34
C LEU C 328 22.41 5.65 -4.76
N ASP C 329 23.23 6.64 -5.07
CA ASP C 329 23.20 7.24 -6.40
C ASP C 329 23.67 6.30 -7.51
N THR C 330 23.90 5.04 -7.16
CA THR C 330 24.34 4.04 -8.14
C THR C 330 23.14 3.66 -9.01
N TYR C 331 21.94 3.83 -8.45
CA TYR C 331 20.71 3.53 -9.16
C TYR C 331 19.65 4.54 -8.77
N THR C 332 18.41 4.30 -9.19
CA THR C 332 17.30 5.19 -8.88
C THR C 332 16.02 4.37 -8.83
N MET C 333 15.16 4.66 -7.87
CA MET C 333 13.90 3.92 -7.74
C MET C 333 12.80 4.72 -7.06
N ILE C 334 11.59 4.18 -7.13
CA ILE C 334 10.43 4.79 -6.52
C ILE C 334 9.46 3.67 -6.18
N SER C 335 8.83 3.75 -5.02
CA SER C 335 7.90 2.71 -4.63
C SER C 335 6.73 3.21 -3.78
N TYR C 336 5.63 2.47 -3.85
CA TYR C 336 4.43 2.77 -3.09
C TYR C 336 4.01 1.44 -2.48
N GLY C 337 4.60 1.11 -1.35
CA GLY C 337 4.30 -0.14 -0.69
C GLY C 337 5.13 -1.27 -1.26
N ASP C 338 4.48 -2.30 -1.79
CA ASP C 338 5.19 -3.42 -2.39
C ASP C 338 5.54 -3.08 -3.84
N ASP C 339 4.73 -2.21 -4.44
CA ASP C 339 4.95 -1.79 -5.81
C ASP C 339 6.27 -1.04 -5.89
N ILE C 340 7.02 -1.25 -6.97
CA ILE C 340 8.31 -0.59 -7.13
C ILE C 340 8.83 -0.56 -8.56
N VAL C 341 9.59 0.47 -8.88
CA VAL C 341 10.18 0.65 -10.20
C VAL C 341 11.64 1.03 -10.03
N VAL C 342 12.55 0.17 -10.47
CA VAL C 342 13.98 0.43 -10.35
C VAL C 342 14.59 0.80 -11.69
N ALA C 343 15.65 1.61 -11.65
CA ALA C 343 16.33 2.04 -12.86
C ALA C 343 17.80 2.35 -12.55
N SER C 344 18.68 2.08 -13.50
CA SER C 344 20.10 2.34 -13.32
C SER C 344 20.89 2.09 -14.60
N ASP C 345 21.76 3.03 -14.95
CA ASP C 345 22.58 2.91 -16.15
C ASP C 345 23.37 1.60 -16.07
N TYR C 346 23.79 1.25 -14.86
CA TYR C 346 24.55 0.02 -14.65
C TYR C 346 23.70 -1.17 -15.06
N ASP C 347 24.33 -2.14 -15.72
CA ASP C 347 23.61 -3.34 -16.16
C ASP C 347 23.49 -4.34 -15.01
N LEU C 348 22.72 -3.96 -13.99
CA LEU C 348 22.52 -4.80 -12.83
C LEU C 348 21.95 -6.17 -13.22
N ASP C 349 22.10 -7.14 -12.33
CA ASP C 349 21.59 -8.48 -12.58
C ASP C 349 20.64 -8.94 -11.48
N PHE C 350 19.41 -8.42 -11.51
CA PHE C 350 18.42 -8.80 -10.51
C PHE C 350 18.22 -10.31 -10.44
N GLU C 351 18.38 -10.97 -11.58
CA GLU C 351 18.21 -12.42 -11.65
C GLU C 351 19.15 -13.12 -10.66
N ALA C 352 20.31 -12.51 -10.43
CA ALA C 352 21.28 -13.07 -9.48
C ALA C 352 21.14 -12.38 -8.14
N LEU C 353 20.06 -11.64 -7.98
CA LEU C 353 19.79 -10.92 -6.74
C LEU C 353 18.73 -11.62 -5.91
N LYS C 354 17.97 -12.49 -6.56
CA LYS C 354 16.91 -13.23 -5.89
C LYS C 354 17.33 -13.80 -4.54
N PRO C 355 18.43 -14.56 -4.49
CA PRO C 355 18.89 -15.13 -3.22
C PRO C 355 19.17 -14.07 -2.17
N HIS C 356 19.79 -12.98 -2.58
CA HIS C 356 20.12 -11.89 -1.67
C HIS C 356 18.85 -11.32 -1.05
N PHE C 357 17.78 -11.25 -1.84
CA PHE C 357 16.50 -10.76 -1.34
C PHE C 357 15.91 -11.83 -0.43
N LYS C 358 16.17 -13.08 -0.78
CA LYS C 358 15.65 -14.20 -0.01
C LYS C 358 16.31 -14.26 1.36
N SER C 359 17.49 -13.67 1.50
CA SER C 359 18.19 -13.68 2.78
C SER C 359 17.42 -12.80 3.75
N LEU C 360 16.36 -12.19 3.25
CA LEU C 360 15.51 -11.31 4.05
C LEU C 360 14.12 -11.94 4.12
N GLY C 361 13.93 -13.03 3.36
CA GLY C 361 12.65 -13.71 3.34
C GLY C 361 11.80 -13.25 2.18
N GLN C 362 12.28 -12.25 1.45
CA GLN C 362 11.56 -11.72 0.30
C GLN C 362 11.93 -12.46 -0.98
N THR C 363 10.92 -12.68 -1.83
CA THR C 363 11.12 -13.39 -3.09
C THR C 363 10.71 -12.47 -4.26
N ILE C 364 11.69 -12.08 -5.07
CA ILE C 364 11.41 -11.21 -6.20
C ILE C 364 11.31 -11.97 -7.51
N THR C 365 10.43 -11.51 -8.37
CA THR C 365 10.21 -12.12 -9.68
C THR C 365 9.90 -11.02 -10.68
N PRO C 366 10.16 -11.26 -11.97
CA PRO C 366 9.91 -10.28 -13.03
C PRO C 366 8.42 -10.02 -13.22
N ALA C 367 8.05 -8.75 -13.37
CA ALA C 367 6.65 -8.39 -13.56
C ALA C 367 6.11 -9.10 -14.80
N ASP C 368 6.95 -9.16 -15.84
CA ASP C 368 6.57 -9.82 -17.08
C ASP C 368 6.85 -11.31 -16.99
N LYS C 369 5.80 -12.09 -16.74
CA LYS C 369 5.91 -13.54 -16.62
C LYS C 369 6.74 -14.15 -17.75
N SER C 370 6.61 -13.58 -18.94
CA SER C 370 7.34 -14.07 -20.12
C SER C 370 8.83 -14.24 -19.79
N ASP C 371 9.33 -15.45 -20.00
CA ASP C 371 10.73 -15.75 -19.72
C ASP C 371 11.10 -15.29 -18.32
N LYS C 372 10.47 -15.89 -17.32
CA LYS C 372 10.72 -15.55 -15.92
C LYS C 372 12.20 -15.34 -15.66
N GLY C 373 12.65 -14.11 -15.81
CA GLY C 373 14.05 -13.79 -15.59
C GLY C 373 14.33 -12.33 -15.93
N PHE C 374 14.63 -11.54 -14.90
CA PHE C 374 14.91 -10.13 -15.10
C PHE C 374 15.91 -9.90 -16.22
N VAL C 375 15.43 -9.34 -17.34
CA VAL C 375 16.28 -9.08 -18.48
C VAL C 375 16.73 -7.62 -18.43
N LEU C 376 17.18 -7.09 -19.56
CA LEU C 376 17.65 -5.71 -19.60
C LEU C 376 17.08 -4.98 -20.82
N GLY C 377 17.26 -3.66 -20.85
CA GLY C 377 16.78 -2.87 -21.96
C GLY C 377 15.38 -2.30 -21.78
N HIS C 378 14.55 -2.97 -20.99
CA HIS C 378 13.18 -2.51 -20.76
C HIS C 378 13.13 -1.02 -20.44
N SER C 379 12.17 -0.33 -21.04
CA SER C 379 11.99 1.10 -20.84
C SER C 379 10.83 1.38 -19.90
N ILE C 380 10.65 2.64 -19.52
CA ILE C 380 9.57 3.01 -18.61
C ILE C 380 8.21 2.76 -19.27
N THR C 381 8.22 2.63 -20.59
CA THR C 381 7.00 2.40 -21.35
C THR C 381 6.62 0.93 -21.36
N ASP C 382 7.21 0.14 -20.48
CA ASP C 382 6.92 -1.28 -20.41
C ASP C 382 6.48 -1.71 -19.01
N VAL C 383 7.05 -1.05 -18.01
CA VAL C 383 6.73 -1.35 -16.62
C VAL C 383 5.34 -0.86 -16.23
N THR C 384 4.82 -1.40 -15.13
CA THR C 384 3.50 -1.03 -14.65
C THR C 384 3.58 -0.62 -13.18
N PHE C 385 3.37 0.67 -12.92
CA PHE C 385 3.43 1.18 -11.57
C PHE C 385 2.05 1.64 -11.11
N LEU C 386 1.62 1.14 -9.96
CA LEU C 386 0.31 1.49 -9.41
C LEU C 386 -0.82 1.15 -10.38
N LYS C 387 -0.78 -0.04 -10.97
CA LYS C 387 -1.82 -0.46 -11.90
C LYS C 387 -1.95 0.49 -13.09
N ARG C 388 -0.88 1.20 -13.40
CA ARG C 388 -0.92 2.13 -14.52
C ARG C 388 0.34 2.07 -15.38
N HIS C 389 0.15 2.21 -16.69
CA HIS C 389 1.25 2.18 -17.63
C HIS C 389 1.76 3.60 -17.87
N PHE C 390 2.94 3.70 -18.47
CA PHE C 390 3.53 4.99 -18.76
C PHE C 390 3.48 5.23 -20.27
N HIS C 391 2.42 5.91 -20.72
CA HIS C 391 2.25 6.19 -22.13
C HIS C 391 2.30 7.69 -22.42
N MET C 392 2.64 8.03 -23.66
CA MET C 392 2.74 9.42 -24.09
C MET C 392 1.45 9.88 -24.76
N ASP C 393 1.02 11.09 -24.43
CA ASP C 393 -0.20 11.64 -24.99
C ASP C 393 0.07 12.41 -26.28
N TYR C 394 -0.24 11.79 -27.42
CA TYR C 394 -0.03 12.41 -28.72
C TYR C 394 -0.57 13.83 -28.78
N GLY C 395 -1.49 14.15 -27.88
CA GLY C 395 -2.07 15.48 -27.85
C GLY C 395 -1.18 16.56 -27.25
N THR C 396 -0.34 16.18 -26.30
CA THR C 396 0.55 17.14 -25.65
C THR C 396 1.92 16.57 -25.32
N GLY C 397 2.27 15.43 -25.93
CA GLY C 397 3.56 14.82 -25.68
C GLY C 397 3.85 14.65 -24.20
N PHE C 398 2.79 14.49 -23.41
CA PHE C 398 2.92 14.32 -21.96
C PHE C 398 2.69 12.86 -21.55
N TYR C 399 3.22 12.50 -20.38
CA TYR C 399 3.06 11.15 -19.84
C TYR C 399 1.75 11.08 -19.06
N LYS C 400 0.96 10.05 -19.35
CA LYS C 400 -0.33 9.90 -18.66
C LYS C 400 -0.58 8.48 -18.16
N PRO C 401 -1.17 8.36 -16.96
CA PRO C 401 -1.48 7.06 -16.36
C PRO C 401 -2.57 6.35 -17.15
N VAL C 402 -2.21 5.18 -17.71
CA VAL C 402 -3.14 4.40 -18.50
C VAL C 402 -3.36 3.02 -17.89
N MET C 403 -4.62 2.69 -17.62
CA MET C 403 -4.95 1.39 -17.04
C MET C 403 -5.45 0.45 -18.13
N ALA C 404 -5.13 -0.84 -17.99
CA ALA C 404 -5.54 -1.84 -18.97
C ALA C 404 -7.06 -1.87 -19.04
N SER C 405 -7.58 -1.97 -20.26
CA SER C 405 -9.02 -2.00 -20.48
C SER C 405 -9.68 -3.11 -19.68
N LYS C 406 -9.00 -4.24 -19.56
CA LYS C 406 -9.53 -5.37 -18.81
C LYS C 406 -9.74 -5.00 -17.34
N THR C 407 -8.82 -4.20 -16.82
CA THR C 407 -8.90 -3.75 -15.42
C THR C 407 -10.09 -2.82 -15.28
N LEU C 408 -10.33 -2.00 -16.30
CA LEU C 408 -11.43 -1.06 -16.29
C LEU C 408 -12.75 -1.82 -16.44
N GLU C 409 -12.73 -2.89 -17.24
CA GLU C 409 -13.91 -3.71 -17.45
C GLU C 409 -14.31 -4.44 -16.17
N ALA C 410 -13.34 -4.64 -15.28
CA ALA C 410 -13.60 -5.32 -14.01
C ALA C 410 -14.25 -4.34 -13.03
N ILE C 411 -13.77 -3.10 -13.05
CA ILE C 411 -14.27 -2.06 -12.18
C ILE C 411 -15.70 -1.64 -12.53
N LEU C 412 -15.92 -1.30 -13.79
CA LEU C 412 -17.23 -0.87 -14.26
C LEU C 412 -18.25 -2.00 -14.31
N SER C 413 -17.82 -3.22 -14.01
CA SER C 413 -18.73 -4.37 -14.04
C SER C 413 -19.36 -4.68 -12.69
N PHE C 414 -18.83 -4.10 -11.62
CA PHE C 414 -19.37 -4.32 -10.29
C PHE C 414 -19.47 -3.02 -9.51
N ALA C 415 -20.33 -3.00 -8.50
CA ALA C 415 -20.53 -1.81 -7.68
C ALA C 415 -21.51 -2.12 -6.55
N ARG C 416 -21.42 -1.36 -5.48
CA ARG C 416 -22.31 -1.54 -4.32
C ARG C 416 -23.67 -0.93 -4.59
N ARG C 417 -24.58 -1.09 -3.64
CA ARG C 417 -25.94 -0.57 -3.75
C ARG C 417 -25.99 0.95 -3.91
N GLY C 418 -26.50 1.41 -5.05
CA GLY C 418 -26.62 2.83 -5.31
C GLY C 418 -25.31 3.60 -5.26
N THR C 419 -24.45 3.38 -6.25
CA THR C 419 -23.15 4.05 -6.33
C THR C 419 -22.67 4.09 -7.78
N ILE C 420 -23.39 3.41 -8.66
CA ILE C 420 -23.02 3.36 -10.07
C ILE C 420 -22.72 4.74 -10.65
N GLN C 421 -23.73 5.61 -10.66
CA GLN C 421 -23.56 6.96 -11.20
C GLN C 421 -22.31 7.64 -10.65
N GLU C 422 -22.21 7.71 -9.33
CA GLU C 422 -21.07 8.33 -8.68
C GLU C 422 -19.76 7.66 -9.11
N LYS C 423 -19.75 6.33 -9.08
CA LYS C 423 -18.56 5.56 -9.47
C LYS C 423 -18.18 5.84 -10.92
N LEU C 424 -19.18 5.90 -11.80
CA LEU C 424 -18.93 6.16 -13.20
C LEU C 424 -18.16 7.47 -13.37
N ILE C 425 -18.50 8.46 -12.56
CA ILE C 425 -17.84 9.75 -12.60
C ILE C 425 -16.36 9.62 -12.24
N SER C 426 -16.11 8.96 -11.12
CA SER C 426 -14.74 8.75 -10.64
C SER C 426 -13.92 7.94 -11.64
N VAL C 427 -14.37 6.72 -11.92
CA VAL C 427 -13.69 5.84 -12.86
C VAL C 427 -13.52 6.48 -14.23
N ALA C 428 -14.43 7.41 -14.56
CA ALA C 428 -14.38 8.09 -15.85
C ALA C 428 -13.05 8.80 -16.06
N GLY C 429 -12.56 9.45 -15.02
CA GLY C 429 -11.29 10.15 -15.12
C GLY C 429 -10.13 9.22 -15.32
N LEU C 430 -10.35 7.94 -15.00
CA LEU C 430 -9.30 6.93 -15.14
C LEU C 430 -9.22 6.38 -16.56
N ALA C 431 -10.37 6.33 -17.23
CA ALA C 431 -10.43 5.81 -18.59
C ALA C 431 -10.19 6.87 -19.67
N VAL C 432 -10.06 8.12 -19.25
CA VAL C 432 -9.82 9.20 -20.20
C VAL C 432 -8.49 9.02 -20.91
N HIS C 433 -7.58 8.31 -20.28
CA HIS C 433 -6.25 8.08 -20.85
C HIS C 433 -6.24 6.90 -21.82
N SER C 434 -7.36 6.18 -21.89
CA SER C 434 -7.48 5.04 -22.78
C SER C 434 -7.80 5.51 -24.18
N GLY C 435 -7.99 6.82 -24.32
CA GLY C 435 -8.30 7.37 -25.62
C GLY C 435 -9.80 7.52 -25.83
N PRO C 436 -10.23 8.32 -26.81
CA PRO C 436 -11.65 8.55 -27.12
C PRO C 436 -12.40 7.25 -27.38
N ASP C 437 -11.81 6.40 -28.22
CA ASP C 437 -12.41 5.13 -28.58
C ASP C 437 -12.72 4.28 -27.35
N GLU C 438 -11.66 3.73 -26.75
CA GLU C 438 -11.78 2.87 -25.58
C GLU C 438 -12.68 3.48 -24.50
N TYR C 439 -12.65 4.80 -24.37
CA TYR C 439 -13.46 5.49 -23.39
C TYR C 439 -14.95 5.28 -23.66
N ARG C 440 -15.37 5.64 -24.87
CA ARG C 440 -16.75 5.51 -25.30
C ARG C 440 -17.25 4.06 -25.19
N ARG C 441 -16.34 3.12 -25.36
CA ARG C 441 -16.68 1.70 -25.29
C ARG C 441 -16.86 1.21 -23.86
N LEU C 442 -16.06 1.77 -22.96
CA LEU C 442 -16.11 1.39 -21.55
C LEU C 442 -17.40 1.78 -20.84
N PHE C 443 -18.05 2.84 -21.33
CA PHE C 443 -19.29 3.32 -20.71
C PHE C 443 -20.49 3.22 -21.65
N GLU C 444 -20.30 2.53 -22.78
CA GLU C 444 -21.38 2.37 -23.74
C GLU C 444 -22.64 1.78 -23.11
N PRO C 445 -22.49 0.75 -22.27
CA PRO C 445 -23.64 0.10 -21.61
C PRO C 445 -24.40 0.97 -20.61
N PHE C 446 -23.93 2.20 -20.37
CA PHE C 446 -24.59 3.08 -19.41
C PHE C 446 -25.31 4.26 -20.05
N GLN C 447 -25.17 4.39 -21.37
CA GLN C 447 -25.82 5.49 -22.08
C GLN C 447 -27.33 5.49 -21.85
N GLY C 448 -27.88 6.67 -21.56
CA GLY C 448 -29.32 6.78 -21.33
C GLY C 448 -29.73 6.27 -19.97
N LEU C 449 -28.81 5.60 -19.28
CA LEU C 449 -29.08 5.05 -17.96
C LEU C 449 -28.42 5.94 -16.90
N PHE C 450 -27.33 6.59 -17.28
CA PHE C 450 -26.59 7.47 -16.38
C PHE C 450 -25.93 8.62 -17.12
N GLU C 451 -25.39 9.57 -16.37
CA GLU C 451 -24.72 10.73 -16.94
C GLU C 451 -23.25 10.37 -17.16
N ILE C 452 -22.85 10.26 -18.42
CA ILE C 452 -21.47 9.91 -18.74
C ILE C 452 -20.67 11.14 -19.15
N PRO C 453 -19.65 11.49 -18.36
CA PRO C 453 -18.80 12.65 -18.64
C PRO C 453 -18.17 12.56 -20.02
N SER C 454 -18.34 13.61 -20.81
CA SER C 454 -17.79 13.65 -22.16
C SER C 454 -16.27 13.57 -22.14
N TYR C 455 -15.72 12.76 -23.05
CA TYR C 455 -14.27 12.61 -23.14
C TYR C 455 -13.61 13.99 -23.19
N ARG C 456 -14.25 14.89 -23.92
CA ARG C 456 -13.76 16.25 -24.09
C ARG C 456 -13.52 16.92 -22.74
N SER C 457 -14.59 17.08 -21.96
CA SER C 457 -14.51 17.73 -20.66
C SER C 457 -13.36 17.26 -19.77
N LEU C 458 -13.26 15.94 -19.57
CA LEU C 458 -12.22 15.37 -18.73
C LEU C 458 -10.81 15.53 -19.32
N TYR C 459 -10.72 15.53 -20.64
CA TYR C 459 -9.42 15.68 -21.30
C TYR C 459 -8.87 17.06 -20.99
N LEU C 460 -9.67 18.09 -21.25
CA LEU C 460 -9.28 19.46 -21.01
C LEU C 460 -8.94 19.67 -19.54
N ARG C 461 -9.65 18.96 -18.65
CA ARG C 461 -9.40 19.08 -17.22
C ARG C 461 -8.00 18.57 -16.92
N TRP C 462 -7.68 17.39 -17.44
CA TRP C 462 -6.37 16.78 -17.25
C TRP C 462 -5.26 17.70 -17.73
N VAL C 463 -5.42 18.26 -18.92
CA VAL C 463 -4.43 19.14 -19.49
C VAL C 463 -4.08 20.26 -18.51
N ASN C 464 -5.11 20.85 -17.91
CA ASN C 464 -4.93 21.93 -16.96
C ASN C 464 -4.29 21.41 -15.66
N ALA C 465 -4.41 20.12 -15.42
CA ALA C 465 -3.85 19.50 -14.22
C ALA C 465 -2.36 19.20 -14.40
N VAL C 466 -2.03 18.49 -15.48
CA VAL C 466 -0.64 18.12 -15.77
C VAL C 466 0.24 19.34 -15.98
N CYS C 467 -0.32 20.42 -16.52
CA CYS C 467 0.42 21.65 -16.76
C CYS C 467 -0.55 22.77 -17.14
N GLY C 468 -0.90 23.59 -16.16
CA GLY C 468 -1.81 24.69 -16.39
C GLY C 468 -1.44 25.59 -17.55
N ASP C 469 -0.16 25.62 -17.87
CA ASP C 469 0.34 26.44 -18.98
C ASP C 469 0.03 25.78 -20.31
N ALA C 470 0.24 24.48 -20.39
CA ALA C 470 -0.01 23.71 -21.61
C ALA C 470 -1.40 23.97 -22.16
N ALA C 471 -2.34 24.29 -21.28
CA ALA C 471 -3.72 24.57 -21.69
C ALA C 471 -3.90 26.00 -22.15
N ALA C 472 -3.62 26.94 -21.25
CA ALA C 472 -3.75 28.36 -21.56
C ALA C 472 -2.94 28.76 -22.78
N LEU C 473 -1.67 28.35 -22.82
CA LEU C 473 -0.80 28.67 -23.94
C LEU C 473 -1.34 28.21 -25.28
N GLU C 474 -2.21 27.21 -25.26
CA GLU C 474 -2.80 26.70 -26.50
C GLU C 474 -3.89 27.64 -27.03
N HIS C 475 -4.00 28.81 -26.40
CA HIS C 475 -4.97 29.81 -26.81
C HIS C 475 -4.26 30.89 -27.60
N HIS C 476 -2.96 31.04 -27.35
CA HIS C 476 -2.15 32.02 -28.04
C HIS C 476 -1.55 31.43 -29.31
MG MG D . 5.70 -3.68 -9.81
#